data_3S9F
#
_entry.id   3S9F
#
_cell.length_a   33.564
_cell.length_b   134.663
_cell.length_c   70.924
_cell.angle_alpha   90.00
_cell.angle_beta   90.00
_cell.angle_gamma   90.00
#
_symmetry.space_group_name_H-M   'C 2 2 21'
#
loop_
_entity.id
_entity.type
_entity.pdbx_description
1 polymer Tryparedoxin
2 non-polymer 'MAGNESIUM ION'
3 water water
#
_entity_poly.entity_id   1
_entity_poly.type   'polypeptide(L)'
_entity_poly.pdbx_seq_one_letter_code
;MGSSHHHHHHSSGLVPRGSHMSGVAKHLGEALKLRKQADTADMDSLSGKTVFFYFSASWCPPCRGFTPQLVEFYEKHHDS
KNFEIILASWDEEEDDFNAYYAKMPWLSIPFANRNIVEALTKKYSVESIPTLIGLNADTGDTVTTRARHALTQDPMGEQF
PWRDE
;
_entity_poly.pdbx_strand_id   A
#
loop_
_chem_comp.id
_chem_comp.type
_chem_comp.name
_chem_comp.formula
MG non-polymer 'MAGNESIUM ION' 'Mg 2'
#
# COMPACT_ATOMS: atom_id res chain seq x y z
N SER A 22 10.11 -15.53 -13.91
CA SER A 22 10.09 -14.44 -12.90
C SER A 22 11.06 -13.34 -13.27
N GLY A 23 12.16 -13.70 -13.93
CA GLY A 23 13.24 -12.75 -14.22
C GLY A 23 12.79 -11.57 -15.08
N VAL A 24 12.10 -11.88 -16.18
CA VAL A 24 11.49 -10.86 -17.06
C VAL A 24 10.53 -10.01 -16.25
N ALA A 25 9.67 -10.65 -15.45
CA ALA A 25 8.72 -9.88 -14.64
C ALA A 25 9.46 -8.94 -13.70
N LYS A 26 10.54 -9.41 -13.08
CA LYS A 26 11.35 -8.55 -12.23
C LYS A 26 11.87 -7.31 -12.95
N HIS A 27 12.43 -7.49 -14.16
CA HIS A 27 12.92 -6.34 -14.93
C HIS A 27 11.81 -5.34 -15.30
N LEU A 28 10.63 -5.85 -15.65
CA LEU A 28 9.50 -4.99 -15.98
C LEU A 28 9.04 -4.25 -14.71
N GLY A 29 8.98 -4.97 -13.59
CA GLY A 29 8.62 -4.34 -12.32
C GLY A 29 9.62 -3.24 -11.93
N GLU A 30 10.91 -3.52 -12.08
CA GLU A 30 11.96 -2.55 -11.73
C GLU A 30 11.97 -1.35 -12.67
N ALA A 31 11.42 -1.54 -13.87
CA ALA A 31 11.26 -0.46 -14.85
C ALA A 31 10.11 0.48 -14.52
N LEU A 32 9.25 0.09 -13.59
CA LEU A 32 8.17 0.96 -13.12
CA LEU A 32 8.18 0.97 -13.14
C LEU A 32 8.76 1.94 -12.13
N LYS A 33 8.48 3.22 -12.31
CA LYS A 33 8.91 4.18 -11.32
C LYS A 33 7.72 4.41 -10.38
N LEU A 34 7.92 4.26 -9.09
CA LEU A 34 6.88 4.56 -8.11
C LEU A 34 6.90 6.04 -7.78
N ARG A 35 5.73 6.59 -7.50
CA ARG A 35 5.60 7.96 -7.05
C ARG A 35 6.09 8.08 -5.58
N LYS A 36 6.79 9.17 -5.27
CA LYS A 36 7.11 9.52 -3.90
C LYS A 36 6.86 11.00 -3.79
N GLN A 37 5.66 11.35 -3.37
CA GLN A 37 5.21 12.72 -3.36
C GLN A 37 5.37 13.33 -4.74
N ALA A 38 6.10 14.44 -4.82
CA ALA A 38 6.32 15.12 -6.09
C ALA A 38 7.28 14.34 -6.98
N ASP A 39 8.18 13.57 -6.37
CA ASP A 39 9.17 12.81 -7.12
C ASP A 39 8.63 11.45 -7.58
N THR A 40 9.48 10.77 -8.35
CA THR A 40 9.29 9.38 -8.68
C THR A 40 10.58 8.69 -8.25
N ALA A 41 10.47 7.48 -7.71
CA ALA A 41 11.61 6.76 -7.16
C ALA A 41 11.79 5.35 -7.71
N ASP A 42 12.97 4.78 -7.48
CA ASP A 42 13.29 3.40 -7.86
C ASP A 42 12.84 2.43 -6.78
N MET A 43 13.19 1.15 -6.92
CA MET A 43 12.62 0.09 -6.09
C MET A 43 13.59 -0.54 -5.09
N ASP A 44 14.87 -0.18 -5.18
CA ASP A 44 15.88 -0.72 -4.28
C ASP A 44 15.54 -0.35 -2.84
N SER A 45 14.99 0.86 -2.68
CA SER A 45 14.58 1.37 -1.38
C SER A 45 13.65 0.41 -0.63
N LEU A 46 13.05 -0.54 -1.34
CA LEU A 46 12.17 -1.54 -0.72
C LEU A 46 12.92 -2.74 -0.11
N SER A 47 14.22 -2.87 -0.42
CA SER A 47 15.02 -4.03 0.00
C SER A 47 14.88 -4.36 1.48
N GLY A 48 14.51 -5.62 1.76
CA GLY A 48 14.52 -6.14 3.12
C GLY A 48 13.41 -5.66 4.05
N LYS A 49 12.45 -4.92 3.50
CA LYS A 49 11.34 -4.38 4.29
C LYS A 49 10.07 -5.26 4.17
N THR A 50 9.08 -5.01 5.04
CA THR A 50 7.73 -5.49 4.76
C THR A 50 7.15 -4.37 3.92
N VAL A 51 6.46 -4.71 2.82
CA VAL A 51 5.86 -3.69 1.96
C VAL A 51 4.36 -3.94 1.95
N PHE A 52 3.57 -2.87 2.05
CA PHE A 52 2.12 -3.00 2.01
C PHE A 52 1.60 -2.33 0.75
N PHE A 53 0.66 -2.99 0.08
CA PHE A 53 -0.18 -2.28 -0.90
C PHE A 53 -1.44 -1.80 -0.17
N TYR A 54 -1.76 -0.52 -0.29
CA TYR A 54 -2.93 0.02 0.38
C TYR A 54 -3.94 0.36 -0.70
N PHE A 55 -5.05 -0.37 -0.71
CA PHE A 55 -6.13 -0.16 -1.70
C PHE A 55 -7.15 0.75 -1.07
N SER A 56 -7.35 1.94 -1.67
CA SER A 56 -8.23 2.91 -1.07
C SER A 56 -8.63 3.90 -2.17
N ALA A 57 -9.56 4.80 -1.85
CA ALA A 57 -10.01 5.82 -2.80
C ALA A 57 -10.52 7.02 -2.05
N SER A 58 -10.36 8.19 -2.68
CA SER A 58 -10.79 9.46 -2.09
C SER A 58 -12.30 9.48 -1.82
N TRP A 59 -13.05 8.65 -2.55
CA TRP A 59 -14.53 8.69 -2.61
C TRP A 59 -15.20 7.68 -1.65
N CYS A 60 -14.37 6.93 -0.96
CA CYS A 60 -14.82 5.83 -0.14
C CYS A 60 -14.94 6.30 1.33
N PRO A 61 -16.16 6.30 1.89
CA PRO A 61 -16.31 6.76 3.28
C PRO A 61 -15.54 5.98 4.36
N PRO A 62 -15.56 4.63 4.33
CA PRO A 62 -14.72 3.99 5.34
C PRO A 62 -13.21 4.21 5.15
N CYS A 63 -12.77 4.42 3.91
CA CYS A 63 -11.36 4.81 3.67
C CYS A 63 -11.01 6.11 4.33
N ARG A 64 -11.92 7.09 4.24
CA ARG A 64 -11.70 8.42 4.81
CA ARG A 64 -11.70 8.42 4.82
C ARG A 64 -11.45 8.34 6.32
N GLY A 65 -12.09 7.38 6.98
CA GLY A 65 -11.89 7.16 8.43
C GLY A 65 -10.63 6.40 8.80
N PHE A 66 -10.16 5.55 7.89
CA PHE A 66 -8.99 4.70 8.16
C PHE A 66 -7.64 5.34 7.78
N THR A 67 -7.59 6.03 6.64
CA THR A 67 -6.34 6.63 6.16
C THR A 67 -5.62 7.50 7.21
N PRO A 68 -6.36 8.39 7.91
CA PRO A 68 -5.67 9.16 8.96
C PRO A 68 -4.95 8.30 10.01
N GLN A 69 -5.57 7.20 10.44
CA GLN A 69 -4.92 6.28 11.38
C GLN A 69 -3.69 5.61 10.80
N LEU A 70 -3.81 5.15 9.56
CA LEU A 70 -2.65 4.56 8.86
C LEU A 70 -1.52 5.57 8.68
N VAL A 71 -1.86 6.82 8.35
CA VAL A 71 -0.84 7.90 8.25
C VAL A 71 -0.06 8.06 9.57
N GLU A 72 -0.82 8.10 10.66
CA GLU A 72 -0.21 8.24 11.98
C GLU A 72 0.67 7.02 12.32
N PHE A 73 0.17 5.82 12.02
CA PHE A 73 0.90 4.59 12.29
C PHE A 73 2.21 4.53 11.50
N TYR A 74 2.15 4.88 10.21
CA TYR A 74 3.33 4.98 9.35
C TYR A 74 4.38 6.00 9.83
N GLU A 75 3.95 7.22 10.11
CA GLU A 75 4.88 8.26 10.58
C GLU A 75 5.64 7.82 11.83
N LYS A 76 4.94 7.16 12.73
CA LYS A 76 5.47 6.71 14.01
C LYS A 76 6.36 5.45 13.94
N HIS A 77 6.02 4.52 13.04
CA HIS A 77 6.59 3.17 13.08
C HIS A 77 7.28 2.66 11.81
N HIS A 78 7.15 3.35 10.67
CA HIS A 78 7.68 2.76 9.42
C HIS A 78 9.20 2.54 9.48
N ASP A 79 9.93 3.40 10.17
CA ASP A 79 11.39 3.26 10.31
C ASP A 79 11.76 2.13 11.25
N SER A 80 11.23 2.20 12.48
CA SER A 80 11.57 1.24 13.52
C SER A 80 11.05 -0.17 13.20
N LYS A 81 9.89 -0.26 12.57
CA LYS A 81 9.35 -1.56 12.16
C LYS A 81 9.68 -1.93 10.71
N ASN A 82 10.49 -1.08 10.06
CA ASN A 82 11.08 -1.39 8.74
C ASN A 82 10.05 -1.76 7.66
N PHE A 83 9.09 -0.87 7.43
CA PHE A 83 8.09 -1.15 6.38
C PHE A 83 7.87 0.05 5.45
N GLU A 84 7.32 -0.22 4.28
CA GLU A 84 6.92 0.83 3.34
C GLU A 84 5.48 0.61 2.93
N ILE A 85 4.81 1.68 2.49
CA ILE A 85 3.44 1.52 2.00
C ILE A 85 3.39 2.07 0.59
N ILE A 86 2.67 1.35 -0.27
CA ILE A 86 2.45 1.79 -1.64
C ILE A 86 0.97 1.91 -1.90
N LEU A 87 0.50 3.12 -2.19
CA LEU A 87 -0.91 3.33 -2.59
C LEU A 87 -1.23 2.62 -3.91
N ALA A 88 -2.33 1.84 -3.90
CA ALA A 88 -2.87 1.22 -5.10
C ALA A 88 -4.29 1.75 -5.20
N SER A 89 -4.40 2.90 -5.88
CA SER A 89 -5.59 3.74 -5.79
C SER A 89 -6.75 3.27 -6.65
N TRP A 90 -7.94 3.25 -6.05
CA TRP A 90 -9.15 3.01 -6.80
C TRP A 90 -9.78 4.31 -7.33
N ASP A 91 -9.06 5.42 -7.23
CA ASP A 91 -9.52 6.67 -7.87
C ASP A 91 -9.28 6.57 -9.35
N GLU A 92 -10.29 6.94 -10.14
CA GLU A 92 -10.14 6.94 -11.58
C GLU A 92 -10.04 8.34 -12.14
N GLU A 93 -10.31 9.33 -11.30
CA GLU A 93 -10.09 10.73 -11.66
C GLU A 93 -8.74 11.17 -11.12
N GLU A 94 -7.92 11.74 -12.00
CA GLU A 94 -6.55 12.11 -11.63
C GLU A 94 -6.48 13.24 -10.59
N ASP A 95 -7.41 14.21 -10.64
CA ASP A 95 -7.32 15.26 -9.63
C ASP A 95 -7.70 14.76 -8.23
N ASP A 96 -8.69 13.88 -8.15
CA ASP A 96 -9.07 13.23 -6.88
C ASP A 96 -7.94 12.33 -6.39
N PHE A 97 -7.31 11.62 -7.32
CA PHE A 97 -6.16 10.78 -6.97
C PHE A 97 -5.08 11.64 -6.30
N ASN A 98 -4.78 12.79 -6.92
CA ASN A 98 -3.71 13.64 -6.38
C ASN A 98 -4.05 14.32 -5.05
N ALA A 99 -5.32 14.75 -4.92
CA ALA A 99 -5.82 15.40 -3.68
C ALA A 99 -5.66 14.44 -2.49
N TYR A 100 -6.00 13.19 -2.74
CA TYR A 100 -5.95 12.11 -1.73
C TYR A 100 -4.53 11.68 -1.42
N TYR A 101 -3.73 11.44 -2.46
CA TYR A 101 -2.36 11.00 -2.23
C TYR A 101 -1.54 12.08 -1.51
N ALA A 102 -1.91 13.33 -1.73
CA ALA A 102 -1.25 14.45 -1.04
C ALA A 102 -1.30 14.36 0.48
N LYS A 103 -2.31 13.65 0.99
CA LYS A 103 -2.50 13.45 2.43
C LYS A 103 -1.61 12.32 2.98
N MET A 104 -0.95 11.58 2.09
CA MET A 104 -0.18 10.39 2.48
C MET A 104 1.32 10.63 2.43
N PRO A 105 2.04 10.06 3.39
CA PRO A 105 3.50 10.23 3.49
C PRO A 105 4.28 9.14 2.78
N TRP A 106 3.59 8.18 2.19
CA TRP A 106 4.22 7.04 1.57
C TRP A 106 4.28 7.10 0.04
N LEU A 107 4.44 5.94 -0.59
CA LEU A 107 4.60 5.84 -2.04
C LEU A 107 3.30 5.57 -2.78
N SER A 108 3.31 5.70 -4.10
CA SER A 108 2.12 5.30 -4.88
C SER A 108 2.50 4.69 -6.20
N ILE A 109 1.70 3.74 -6.65
CA ILE A 109 1.68 3.39 -8.06
C ILE A 109 1.15 4.64 -8.79
N PRO A 110 1.82 5.06 -9.88
CA PRO A 110 1.38 6.27 -10.55
C PRO A 110 -0.06 6.13 -11.06
N PHE A 111 -0.78 7.26 -11.09
CA PHE A 111 -2.15 7.27 -11.55
C PHE A 111 -2.33 6.60 -12.92
N ALA A 112 -1.39 6.87 -13.83
CA ALA A 112 -1.41 6.35 -15.19
C ALA A 112 -1.36 4.82 -15.26
N ASN A 113 -0.84 4.20 -14.19
CA ASN A 113 -0.70 2.74 -14.15
C ASN A 113 -1.91 2.04 -13.52
N ARG A 114 -3.08 2.42 -13.98
CA ARG A 114 -4.35 1.84 -13.55
C ARG A 114 -4.39 0.32 -13.75
N ASN A 115 -3.86 -0.13 -14.89
CA ASN A 115 -3.78 -1.53 -15.28
C ASN A 115 -3.17 -2.32 -14.13
N ILE A 116 -2.08 -1.79 -13.57
CA ILE A 116 -1.36 -2.46 -12.48
CA ILE A 116 -1.36 -2.46 -12.49
C ILE A 116 -2.26 -2.59 -11.24
N VAL A 117 -2.96 -1.51 -10.87
CA VAL A 117 -3.87 -1.54 -9.71
C VAL A 117 -4.97 -2.59 -9.91
N GLU A 118 -5.50 -2.63 -11.13
CA GLU A 118 -6.56 -3.60 -11.48
C GLU A 118 -6.06 -5.03 -11.30
N ALA A 119 -4.85 -5.30 -11.80
CA ALA A 119 -4.23 -6.62 -11.65
C ALA A 119 -3.94 -7.04 -10.22
N LEU A 120 -3.38 -6.11 -9.43
CA LEU A 120 -3.10 -6.37 -8.03
C LEU A 120 -4.38 -6.59 -7.23
N THR A 121 -5.42 -5.83 -7.58
CA THR A 121 -6.74 -5.98 -6.99
C THR A 121 -7.23 -7.40 -7.22
N LYS A 122 -7.09 -7.88 -8.47
CA LYS A 122 -7.53 -9.24 -8.80
C LYS A 122 -6.67 -10.26 -8.04
N LYS A 123 -5.36 -10.05 -8.06
CA LYS A 123 -4.42 -10.99 -7.46
C LYS A 123 -4.73 -11.29 -6.00
N TYR A 124 -4.95 -10.22 -5.23
CA TYR A 124 -5.16 -10.32 -3.79
C TYR A 124 -6.62 -10.35 -3.39
N SER A 125 -7.49 -10.58 -4.39
CA SER A 125 -8.95 -10.71 -4.15
C SER A 125 -9.46 -9.54 -3.31
N VAL A 126 -9.08 -8.32 -3.70
CA VAL A 126 -9.50 -7.13 -2.97
C VAL A 126 -10.91 -6.78 -3.43
N GLU A 127 -11.88 -7.14 -2.62
CA GLU A 127 -13.28 -6.99 -3.01
CA GLU A 127 -13.30 -7.02 -2.99
C GLU A 127 -13.92 -5.74 -2.44
N SER A 128 -13.22 -5.13 -1.45
CA SER A 128 -13.68 -3.92 -0.82
C SER A 128 -12.48 -3.11 -0.35
N ILE A 129 -12.74 -1.85 -0.10
CA ILE A 129 -11.68 -0.96 0.39
C ILE A 129 -12.21 -0.27 1.66
N PRO A 130 -11.32 0.21 2.55
CA PRO A 130 -9.85 0.11 2.53
C PRO A 130 -9.35 -1.30 2.81
N THR A 131 -8.32 -1.71 2.08
CA THR A 131 -7.68 -3.02 2.31
C THR A 131 -6.19 -2.81 2.32
N LEU A 132 -5.51 -3.48 3.25
CA LEU A 132 -4.07 -3.41 3.35
C LEU A 132 -3.48 -4.83 3.27
N ILE A 133 -2.61 -5.04 2.29
CA ILE A 133 -2.01 -6.34 2.00
C ILE A 133 -0.52 -6.16 2.24
N GLY A 134 0.02 -6.93 3.18
CA GLY A 134 1.44 -6.89 3.54
C GLY A 134 2.20 -8.07 2.97
N LEU A 135 3.40 -7.78 2.46
CA LEU A 135 4.24 -8.80 1.90
C LEU A 135 5.72 -8.58 2.19
N ASN A 136 6.48 -9.66 2.13
CA ASN A 136 7.93 -9.59 2.25
C ASN A 136 8.48 -9.03 0.94
N ALA A 137 9.23 -7.92 1.01
CA ALA A 137 9.72 -7.27 -0.21
C ALA A 137 10.67 -8.17 -1.01
N ASP A 138 11.48 -8.95 -0.30
CA ASP A 138 12.49 -9.75 -0.95
C ASP A 138 11.90 -10.99 -1.62
N THR A 139 11.11 -11.77 -0.88
CA THR A 139 10.54 -13.01 -1.41
C THR A 139 9.27 -12.79 -2.20
N GLY A 140 8.57 -11.70 -1.89
CA GLY A 140 7.27 -11.42 -2.50
C GLY A 140 6.14 -12.15 -1.79
N ASP A 141 6.48 -12.98 -0.82
CA ASP A 141 5.45 -13.77 -0.14
C ASP A 141 4.48 -12.90 0.66
N THR A 142 3.20 -13.26 0.62
CA THR A 142 2.21 -12.53 1.42
C THR A 142 2.45 -12.75 2.91
N VAL A 143 2.42 -11.66 3.67
CA VAL A 143 2.60 -11.73 5.11
C VAL A 143 1.23 -11.61 5.79
N THR A 144 0.42 -10.65 5.32
CA THR A 144 -0.87 -10.35 5.94
C THR A 144 -1.90 -9.81 4.94
N THR A 145 -3.13 -10.27 5.03
CA THR A 145 -4.22 -9.71 4.22
C THR A 145 -5.27 -9.02 5.10
N ARG A 146 -5.02 -8.98 6.42
CA ARG A 146 -6.00 -8.48 7.40
C ARG A 146 -5.50 -7.25 8.16
N ALA A 147 -4.51 -6.56 7.60
CA ALA A 147 -3.84 -5.51 8.34
C ALA A 147 -4.74 -4.28 8.57
N ARG A 148 -5.72 -4.05 7.70
CA ARG A 148 -6.68 -2.93 7.93
CA ARG A 148 -6.70 -2.95 7.91
C ARG A 148 -7.42 -3.15 9.26
N HIS A 149 -8.02 -4.32 9.43
CA HIS A 149 -8.71 -4.60 10.68
CA HIS A 149 -8.70 -4.71 10.67
C HIS A 149 -7.73 -4.77 11.85
N ALA A 150 -6.61 -5.46 11.63
CA ALA A 150 -5.61 -5.65 12.69
C ALA A 150 -5.09 -4.33 13.27
N LEU A 151 -4.78 -3.37 12.40
CA LEU A 151 -4.25 -2.10 12.87
C LEU A 151 -5.24 -1.34 13.75
N THR A 152 -6.53 -1.35 13.38
CA THR A 152 -7.52 -0.67 14.20
C THR A 152 -7.62 -1.25 15.61
N GLN A 153 -7.37 -2.55 15.73
CA GLN A 153 -7.42 -3.25 17.02
C GLN A 153 -6.07 -3.19 17.77
N ASP A 154 -4.99 -2.91 17.05
CA ASP A 154 -3.64 -2.88 17.63
C ASP A 154 -2.93 -1.60 17.18
N PRO A 155 -3.46 -0.43 17.61
CA PRO A 155 -2.94 0.84 17.08
C PRO A 155 -1.45 1.07 17.41
N MET A 156 -0.95 0.37 18.43
CA MET A 156 0.46 0.49 18.79
C MET A 156 1.37 -0.39 17.93
N GLY A 157 0.79 -1.33 17.19
CA GLY A 157 1.55 -2.24 16.33
C GLY A 157 2.33 -3.29 17.13
N GLU A 158 1.84 -3.57 18.33
CA GLU A 158 2.49 -4.56 19.19
C GLU A 158 2.47 -5.95 18.57
N GLN A 159 1.49 -6.21 17.68
CA GLN A 159 1.41 -7.50 16.99
C GLN A 159 1.75 -7.42 15.50
N PHE A 160 2.31 -6.28 15.08
CA PHE A 160 2.81 -6.09 13.71
C PHE A 160 3.79 -7.23 13.36
N PRO A 161 3.73 -7.77 12.12
CA PRO A 161 2.93 -7.39 10.97
C PRO A 161 1.63 -8.15 10.81
N TRP A 162 1.04 -8.65 11.90
CA TRP A 162 -0.27 -9.26 11.85
C TRP A 162 -0.42 -10.42 10.89
N ARG A 163 0.51 -11.36 10.97
CA ARG A 163 0.58 -12.48 10.03
CA ARG A 163 0.58 -12.45 10.00
C ARG A 163 -0.73 -13.24 9.98
N ASP A 164 -1.12 -13.64 8.79
CA ASP A 164 -2.33 -14.44 8.60
C ASP A 164 -2.23 -15.78 9.29
N GLU A 165 -3.39 -16.32 9.68
CA GLU A 165 -3.57 -17.59 10.40
C GLU A 165 -2.77 -17.68 11.70
MG MG B . -6.44 -5.49 5.09
MG MG C . 0.93 9.91 -10.76
MG MG D . -0.08 -0.06 -16.29
MG MG E . 14.32 -2.80 -15.20
MG MG F . 10.53 7.00 5.47
#